data_4PUX
#
_entry.id   4PUX
#
_cell.length_a   61.338
_cell.length_b   99.178
_cell.length_c   48.677
_cell.angle_alpha   90.000
_cell.angle_beta   90.000
_cell.angle_gamma   90.000
#
_symmetry.space_group_name_H-M   'C 2 2 2'
#
loop_
_entity.id
_entity.type
_entity.pdbx_description
1 polymer 'Uncharacterized protein'
2 non-polymer 1,2-ETHANEDIOL
3 non-polymer 'CITRIC ACID'
4 non-polymer 'CHLORIDE ION'
5 water water
#
_entity_poly.entity_id   1
_entity_poly.type   'polypeptide(L)'
_entity_poly.pdbx_seq_one_letter_code
;GETQYNPPPIQLEPLAKFSVDLNAPVWELGTTSDAGKRRIIPITGGTFEGKSLKGRILNNGADWQIVDSKGLAIIDTRYL
LETDDGALIYLQTKGYRHGSAETLKQLAQGKDVDPKNYYFKIT(MSE)QFETSSPKYSWLNQTVAVGSA(MSE)RLGKAV
IYDAYTLK
;
_entity_poly.pdbx_strand_id   A
#
loop_
_chem_comp.id
_chem_comp.type
_chem_comp.name
_chem_comp.formula
CIT non-polymer 'CITRIC ACID' 'C6 H8 O7'
CL non-polymer 'CHLORIDE ION' 'Cl -1'
EDO non-polymer 1,2-ETHANEDIOL 'C2 H6 O2'
#
# COMPACT_ATOMS: atom_id res chain seq x y z
N GLN A 4 -29.21 -14.27 17.69
CA GLN A 4 -29.27 -12.87 17.20
C GLN A 4 -28.44 -12.59 15.95
N TYR A 5 -28.85 -11.52 15.31
CA TYR A 5 -28.51 -11.27 13.94
C TYR A 5 -27.26 -10.44 13.72
N ASN A 6 -26.53 -10.14 14.78
CA ASN A 6 -25.27 -9.44 14.62
C ASN A 6 -24.36 -10.15 13.60
N PRO A 7 -23.67 -9.38 12.77
CA PRO A 7 -22.73 -10.02 11.85
C PRO A 7 -21.52 -10.55 12.62
N PRO A 8 -20.75 -11.43 11.97
CA PRO A 8 -19.65 -12.02 12.68
C PRO A 8 -18.57 -10.99 13.05
N PRO A 9 -17.84 -11.26 14.11
CA PRO A 9 -16.75 -10.38 14.46
C PRO A 9 -15.67 -10.37 13.37
N ILE A 10 -14.92 -9.27 13.26
CA ILE A 10 -13.88 -9.13 12.26
CA ILE A 10 -13.81 -9.16 12.24
C ILE A 10 -12.47 -9.55 12.82
N GLN A 11 -11.77 -10.43 12.12
CA GLN A 11 -10.41 -10.81 12.47
C GLN A 11 -9.51 -10.54 11.27
N LEU A 12 -8.33 -9.99 11.54
CA LEU A 12 -7.32 -9.76 10.52
C LEU A 12 -6.26 -10.84 10.59
N GLU A 13 -6.14 -11.62 9.53
CA GLU A 13 -5.20 -12.74 9.45
CA GLU A 13 -5.20 -12.74 9.45
C GLU A 13 -3.97 -12.26 8.68
N PRO A 14 -2.76 -12.32 9.31
CA PRO A 14 -1.55 -11.92 8.53
C PRO A 14 -1.41 -12.72 7.21
N LEU A 15 -1.18 -12.00 6.13
CA LEU A 15 -0.98 -12.57 4.80
C LEU A 15 0.51 -12.65 4.44
N ALA A 16 1.15 -11.50 4.36
CA ALA A 16 2.60 -11.39 4.11
C ALA A 16 3.11 -9.99 4.37
N LYS A 17 4.40 -9.90 4.62
CA LYS A 17 5.13 -8.62 4.68
CA LYS A 17 5.12 -8.63 4.68
C LYS A 17 5.70 -8.33 3.29
N PHE A 18 5.30 -7.19 2.73
CA PHE A 18 5.72 -6.70 1.43
C PHE A 18 6.79 -5.63 1.56
N SER A 19 7.75 -5.70 0.66
CA SER A 19 8.81 -4.71 0.53
CA SER A 19 8.79 -4.67 0.50
C SER A 19 8.83 -4.30 -0.96
N VAL A 20 8.31 -3.13 -1.29
CA VAL A 20 8.18 -2.66 -2.67
C VAL A 20 9.33 -1.70 -2.99
N ASP A 21 10.00 -2.01 -4.10
CA ASP A 21 11.13 -1.17 -4.59
C ASP A 21 10.57 -0.15 -5.61
N LEU A 22 11.00 1.11 -5.47
CA LEU A 22 10.60 2.24 -6.36
C LEU A 22 11.90 2.83 -6.97
N ASN A 23 12.70 1.97 -7.62
CA ASN A 23 14.07 2.33 -8.00
C ASN A 23 14.17 2.94 -9.43
N ALA A 24 13.34 3.95 -9.66
CA ALA A 24 13.30 4.71 -10.90
C ALA A 24 12.84 6.12 -10.57
N PRO A 25 13.19 7.09 -11.45
CA PRO A 25 12.72 8.44 -11.16
C PRO A 25 11.17 8.57 -11.24
N VAL A 26 10.62 9.42 -10.38
CA VAL A 26 9.19 9.75 -10.40
C VAL A 26 8.92 10.72 -11.53
N TRP A 27 7.87 10.44 -12.31
CA TRP A 27 7.36 11.43 -13.25
C TRP A 27 6.42 12.42 -12.51
N GLU A 28 6.87 13.65 -12.38
CA GLU A 28 6.17 14.73 -11.70
C GLU A 28 5.38 15.53 -12.73
N LEU A 29 4.11 15.20 -12.91
CA LEU A 29 3.29 15.85 -13.94
C LEU A 29 2.72 17.20 -13.55
N GLY A 30 2.90 17.62 -12.28
CA GLY A 30 2.35 18.90 -11.82
C GLY A 30 0.86 18.84 -11.62
N THR A 31 0.26 20.03 -11.46
CA THR A 31 -1.12 20.15 -11.13
C THR A 31 -1.98 19.96 -12.37
N THR A 32 -2.52 18.76 -12.54
CA THR A 32 -3.26 18.41 -13.76
C THR A 32 -4.78 18.67 -13.67
N SER A 33 -5.25 19.02 -12.48
CA SER A 33 -6.66 19.36 -12.19
C SER A 33 -6.69 19.98 -10.80
N ASP A 34 -7.84 20.49 -10.41
CA ASP A 34 -8.01 21.00 -9.06
C ASP A 34 -7.72 19.95 -7.97
N ALA A 35 -7.83 18.65 -8.29
CA ALA A 35 -7.59 17.58 -7.31
C ALA A 35 -6.17 17.59 -6.72
N GLY A 36 -5.21 18.09 -7.50
CA GLY A 36 -3.81 18.19 -7.02
C GLY A 36 -2.77 17.73 -8.05
N LYS A 37 -1.57 17.43 -7.53
CA LYS A 37 -0.43 17.05 -8.35
C LYS A 37 -0.48 15.58 -8.69
N ARG A 38 -0.29 15.27 -9.97
CA ARG A 38 -0.21 13.90 -10.47
C ARG A 38 1.25 13.45 -10.47
N ARG A 39 1.53 12.34 -9.81
CA ARG A 39 2.87 11.74 -9.69
C ARG A 39 2.76 10.27 -10.13
N ILE A 40 3.59 9.85 -11.09
CA ILE A 40 3.59 8.46 -11.58
C ILE A 40 4.89 7.85 -11.11
N ILE A 41 4.77 6.98 -10.12
CA ILE A 41 5.89 6.42 -9.35
C ILE A 41 6.12 4.93 -9.74
N PRO A 42 7.07 4.66 -10.64
CA PRO A 42 7.31 3.27 -11.06
C PRO A 42 7.62 2.28 -9.96
N ILE A 43 7.00 1.11 -10.08
CA ILE A 43 7.29 -0.04 -9.21
C ILE A 43 8.24 -0.97 -9.96
N THR A 44 9.47 -1.13 -9.44
CA THR A 44 10.53 -1.82 -10.18
C THR A 44 10.82 -3.24 -9.72
N GLY A 45 10.29 -3.60 -8.56
CA GLY A 45 10.51 -4.94 -7.99
C GLY A 45 10.18 -4.94 -6.50
N GLY A 46 10.67 -5.96 -5.82
CA GLY A 46 10.47 -6.13 -4.41
C GLY A 46 10.16 -7.57 -4.05
N THR A 47 9.76 -7.78 -2.79
CA THR A 47 9.54 -9.13 -2.25
C THR A 47 8.31 -9.16 -1.38
N PHE A 48 7.80 -10.37 -1.14
CA PHE A 48 6.80 -10.58 -0.08
C PHE A 48 7.05 -11.91 0.60
N GLU A 49 6.76 -11.96 1.91
CA GLU A 49 7.04 -13.12 2.73
C GLU A 49 6.00 -13.30 3.82
N GLY A 50 5.23 -14.39 3.71
CA GLY A 50 4.24 -14.78 4.73
C GLY A 50 4.12 -16.29 4.81
N LYS A 51 3.32 -16.77 5.75
CA LYS A 51 3.18 -18.22 5.98
C LYS A 51 2.70 -18.95 4.70
N SER A 52 1.71 -18.37 4.00
CA SER A 52 1.00 -19.01 2.89
CA SER A 52 1.10 -19.07 2.87
C SER A 52 1.26 -18.34 1.54
N LEU A 53 2.12 -17.32 1.54
CA LEU A 53 2.36 -16.49 0.34
C LEU A 53 3.75 -15.88 0.38
N LYS A 54 4.59 -16.30 -0.60
CA LYS A 54 6.00 -15.89 -0.65
C LYS A 54 6.38 -15.70 -2.12
N GLY A 55 7.25 -14.74 -2.40
CA GLY A 55 7.72 -14.51 -3.76
C GLY A 55 8.32 -13.13 -3.99
N ARG A 56 8.28 -12.69 -5.25
CA ARG A 56 8.86 -11.42 -5.65
C ARG A 56 7.88 -10.57 -6.47
N ILE A 57 8.13 -9.27 -6.45
CA ILE A 57 7.40 -8.32 -7.27
C ILE A 57 8.20 -8.14 -8.54
N LEU A 58 7.49 -8.14 -9.67
CA LEU A 58 8.13 -8.00 -10.98
C LEU A 58 8.33 -6.50 -11.34
N ASN A 59 9.06 -6.23 -12.43
CA ASN A 59 9.25 -4.87 -12.91
C ASN A 59 8.08 -4.51 -13.84
N ASN A 60 7.03 -3.94 -13.24
CA ASN A 60 5.77 -3.64 -13.92
C ASN A 60 4.93 -2.70 -13.05
N GLY A 61 4.29 -1.76 -13.70
CA GLY A 61 3.33 -0.91 -13.03
C GLY A 61 3.90 0.20 -12.22
N ALA A 62 3.02 0.81 -11.42
CA ALA A 62 3.30 2.08 -10.76
C ALA A 62 2.22 2.42 -9.74
N ASP A 63 2.49 3.44 -8.94
CA ASP A 63 1.47 4.20 -8.21
C ASP A 63 1.14 5.46 -9.03
N TRP A 64 -0.09 5.53 -9.51
CA TRP A 64 -0.64 6.74 -10.15
C TRP A 64 -1.27 7.61 -9.03
N GLN A 65 -0.44 8.46 -8.40
CA GLN A 65 -0.78 9.16 -7.19
C GLN A 65 -1.26 10.56 -7.45
N ILE A 66 -2.09 11.08 -6.54
CA ILE A 66 -2.54 12.47 -6.53
CA ILE A 66 -2.56 12.47 -6.53
C ILE A 66 -2.20 13.02 -5.14
N VAL A 67 -1.50 14.17 -5.10
CA VAL A 67 -1.19 14.84 -3.84
C VAL A 67 -1.91 16.17 -3.83
N ASP A 68 -2.81 16.37 -2.86
CA ASP A 68 -3.62 17.60 -2.79
C ASP A 68 -2.85 18.73 -2.09
N SER A 69 -3.54 19.86 -1.86
CA SER A 69 -2.89 21.07 -1.34
C SER A 69 -2.70 21.06 0.17
N LYS A 70 -3.22 20.00 0.78
N LYS A 70 -3.29 20.10 0.90
CA LYS A 70 -3.20 19.79 2.19
CA LYS A 70 -3.07 20.05 2.40
C LYS A 70 -2.33 18.56 2.57
C LYS A 70 -2.15 18.90 2.81
N GLY A 71 -1.43 18.09 1.65
N GLY A 71 -1.66 18.16 1.81
CA GLY A 71 -0.55 16.97 1.92
CA GLY A 71 -0.67 17.10 2.04
C GLY A 71 -1.27 15.65 2.18
C GLY A 71 -1.11 15.65 1.82
N LEU A 72 -2.39 15.45 1.52
CA LEU A 72 -2.98 14.13 1.41
C LEU A 72 -2.52 13.53 0.09
N ALA A 73 -1.94 12.34 0.15
CA ALA A 73 -1.69 11.52 -1.05
C ALA A 73 -2.76 10.43 -1.17
N ILE A 74 -3.29 10.30 -2.39
CA ILE A 74 -4.28 9.29 -2.74
CA ILE A 74 -4.27 9.27 -2.72
C ILE A 74 -3.52 8.26 -3.59
N ILE A 75 -3.52 7.00 -3.13
CA ILE A 75 -2.75 5.91 -3.74
C ILE A 75 -3.66 5.14 -4.69
N ASP A 76 -3.11 4.82 -5.88
CA ASP A 76 -3.85 4.01 -6.91
C ASP A 76 -2.83 3.23 -7.75
N THR A 77 -2.62 1.97 -7.41
CA THR A 77 -1.57 1.17 -8.01
C THR A 77 -2.07 0.03 -8.87
N ARG A 78 -1.20 -0.39 -9.81
CA ARG A 78 -1.30 -1.69 -10.53
C ARG A 78 0.12 -2.28 -10.57
N TYR A 79 0.31 -3.50 -10.08
CA TYR A 79 1.57 -4.22 -10.17
C TYR A 79 1.38 -5.71 -10.17
N LEU A 80 2.49 -6.47 -10.13
CA LEU A 80 2.47 -7.90 -10.52
C LEU A 80 3.38 -8.76 -9.64
N LEU A 81 2.80 -9.77 -9.03
CA LEU A 81 3.52 -10.70 -8.11
C LEU A 81 3.83 -12.00 -8.83
N GLU A 82 4.98 -12.57 -8.52
CA GLU A 82 5.38 -13.93 -8.93
C GLU A 82 5.71 -14.72 -7.66
N THR A 83 4.86 -15.72 -7.34
CA THR A 83 5.12 -16.51 -6.15
C THR A 83 6.36 -17.40 -6.33
N ASP A 84 6.89 -17.87 -5.20
CA ASP A 84 8.03 -18.78 -5.22
C ASP A 84 7.80 -20.03 -6.07
N ASP A 85 6.55 -20.53 -6.12
CA ASP A 85 6.19 -21.67 -6.94
C ASP A 85 5.65 -21.35 -8.36
N GLY A 86 5.76 -20.08 -8.78
CA GLY A 86 5.56 -19.70 -10.17
C GLY A 86 4.21 -19.14 -10.58
N ALA A 87 3.30 -18.91 -9.64
CA ALA A 87 2.01 -18.32 -9.96
C ALA A 87 2.11 -16.78 -10.13
N LEU A 88 1.39 -16.25 -11.10
CA LEU A 88 1.26 -14.80 -11.30
C LEU A 88 0.00 -14.27 -10.66
N ILE A 89 0.13 -13.16 -9.93
CA ILE A 89 -0.99 -12.51 -9.25
C ILE A 89 -0.96 -11.00 -9.52
N TYR A 90 -1.97 -10.52 -10.22
CA TYR A 90 -2.16 -9.07 -10.51
C TYR A 90 -2.74 -8.38 -9.26
N LEU A 91 -2.03 -7.38 -8.75
CA LEU A 91 -2.40 -6.68 -7.53
C LEU A 91 -2.76 -5.21 -7.86
N GLN A 92 -3.84 -4.73 -7.24
CA GLN A 92 -4.25 -3.32 -7.20
C GLN A 92 -4.35 -2.89 -5.74
N THR A 93 -3.72 -1.77 -5.39
CA THR A 93 -3.89 -1.17 -4.06
C THR A 93 -4.44 0.26 -4.20
N LYS A 94 -5.20 0.66 -3.20
CA LYS A 94 -5.81 1.99 -3.08
C LYS A 94 -5.74 2.41 -1.62
N GLY A 95 -5.64 3.71 -1.38
CA GLY A 95 -5.66 4.19 -0.02
C GLY A 95 -5.13 5.60 0.14
N TYR A 96 -4.63 5.90 1.35
CA TYR A 96 -4.29 7.28 1.74
C TYR A 96 -2.99 7.32 2.52
N ARG A 97 -2.23 8.39 2.29
CA ARG A 97 -1.06 8.73 3.12
C ARG A 97 -1.17 10.20 3.54
N HIS A 98 -1.09 10.46 4.85
CA HIS A 98 -1.18 11.84 5.35
C HIS A 98 -0.50 11.90 6.70
N GLY A 99 -0.04 13.10 7.10
CA GLY A 99 0.51 13.26 8.43
C GLY A 99 -0.44 12.76 9.52
N SER A 100 0.11 12.11 10.55
CA SER A 100 -0.73 11.66 11.67
C SER A 100 -1.31 12.88 12.41
N ALA A 101 -2.41 12.65 13.10
CA ALA A 101 -3.09 13.76 13.80
C ALA A 101 -2.13 14.44 14.81
N GLU A 102 -1.38 13.65 15.56
CA GLU A 102 -0.44 14.21 16.53
C GLU A 102 0.71 14.97 15.88
N THR A 103 1.30 14.40 14.81
CA THR A 103 2.36 15.09 14.08
C THR A 103 1.86 16.47 13.58
N LEU A 104 0.68 16.50 12.98
CA LEU A 104 0.15 17.77 12.46
C LEU A 104 -0.17 18.75 13.60
N LYS A 105 -0.66 18.25 14.74
CA LYS A 105 -0.88 19.13 15.94
CA LYS A 105 -0.88 19.12 15.92
C LYS A 105 0.44 19.79 16.38
N GLN A 106 1.47 18.98 16.52
CA GLN A 106 2.78 19.51 16.91
C GLN A 106 3.28 20.56 15.94
N LEU A 107 3.19 20.29 14.64
CA LEU A 107 3.62 21.25 13.65
C LEU A 107 2.85 22.56 13.71
N ALA A 108 1.55 22.47 13.99
CA ALA A 108 0.66 23.63 14.10
C ALA A 108 0.98 24.52 15.31
N GLN A 109 1.70 23.96 16.27
CA GLN A 109 2.19 24.68 17.45
C GLN A 109 3.67 25.09 17.36
N GLY A 110 4.32 24.80 16.23
CA GLY A 110 5.73 25.17 16.07
C GLY A 110 6.70 24.25 16.78
N LYS A 111 6.26 23.07 17.11
CA LYS A 111 7.09 22.11 17.85
C LYS A 111 7.77 21.18 16.86
N ASP A 112 9.10 21.10 16.93
CA ASP A 112 9.89 20.31 15.98
C ASP A 112 9.63 18.81 16.26
N VAL A 113 9.12 18.11 15.24
CA VAL A 113 8.68 16.72 15.35
C VAL A 113 9.75 15.79 14.78
N ASP A 114 10.27 14.86 15.59
CA ASP A 114 11.34 13.94 15.18
CA ASP A 114 11.35 13.94 15.19
C ASP A 114 11.15 12.51 15.71
N PRO A 115 10.77 11.56 14.83
CA PRO A 115 10.46 11.73 13.41
C PRO A 115 9.00 12.09 13.24
N LYS A 116 8.66 12.63 12.07
CA LYS A 116 7.26 12.81 11.69
C LYS A 116 6.63 11.43 11.48
N ASN A 117 5.38 11.28 11.93
CA ASN A 117 4.62 10.02 11.76
C ASN A 117 3.47 10.22 10.80
N TYR A 118 3.14 9.16 10.05
CA TYR A 118 2.12 9.21 9.01
C TYR A 118 1.08 8.10 9.14
N TYR A 119 -0.12 8.46 8.80
CA TYR A 119 -1.22 7.53 8.53
C TYR A 119 -1.03 7.04 7.07
N PHE A 120 -0.81 5.73 6.88
CA PHE A 120 -0.54 5.17 5.53
C PHE A 120 -1.15 3.77 5.52
N LYS A 121 -2.37 3.69 5.01
CA LYS A 121 -3.20 2.48 4.99
C LYS A 121 -3.75 2.26 3.60
N ILE A 122 -3.86 0.99 3.21
CA ILE A 122 -4.34 0.61 1.91
C ILE A 122 -5.37 -0.54 1.95
N THR A 123 -6.16 -0.64 0.87
CA THR A 123 -6.95 -1.83 0.53
C THR A 123 -6.29 -2.53 -0.66
N MSE A 124 -6.53 -3.84 -0.77
CA MSE A 124 -5.84 -4.67 -1.74
C MSE A 124 -6.86 -5.54 -2.51
O MSE A 124 -7.70 -6.16 -1.89
CB MSE A 124 -4.82 -5.61 -1.02
CG MSE A 124 -3.83 -4.87 -0.14
SE MSE A 124 -2.68 -6.04 0.88
CE MSE A 124 -1.55 -6.77 -0.51
N GLN A 125 -6.65 -5.68 -3.83
CA GLN A 125 -7.47 -6.51 -4.71
C GLN A 125 -6.55 -7.38 -5.56
N PHE A 126 -6.81 -8.67 -5.56
CA PHE A 126 -5.97 -9.67 -6.26
C PHE A 126 -6.68 -10.33 -7.43
N GLU A 127 -5.91 -10.82 -8.42
CA GLU A 127 -6.42 -11.61 -9.55
C GLU A 127 -5.40 -12.66 -9.92
N THR A 128 -5.80 -13.92 -9.84
CA THR A 128 -4.94 -15.04 -10.26
C THR A 128 -5.79 -16.20 -10.77
N SER A 129 -5.19 -17.04 -11.64
CA SER A 129 -5.84 -18.27 -12.08
C SER A 129 -5.29 -19.52 -11.35
N SER A 130 -4.29 -19.35 -10.47
CA SER A 130 -3.69 -20.50 -9.77
C SER A 130 -4.67 -21.04 -8.71
N PRO A 131 -4.98 -22.34 -8.72
CA PRO A 131 -5.91 -22.86 -7.70
C PRO A 131 -5.40 -22.69 -6.26
N LYS A 132 -4.09 -22.66 -6.08
CA LYS A 132 -3.51 -22.50 -4.76
C LYS A 132 -3.79 -21.10 -4.17
N TYR A 133 -3.81 -20.07 -5.03
CA TYR A 133 -3.95 -18.70 -4.58
C TYR A 133 -5.26 -18.03 -4.96
N SER A 134 -6.18 -18.79 -5.57
CA SER A 134 -7.42 -18.19 -6.07
CA SER A 134 -7.46 -18.26 -6.06
C SER A 134 -8.39 -17.72 -4.97
N TRP A 135 -8.20 -18.20 -3.74
CA TRP A 135 -8.97 -17.66 -2.60
C TRP A 135 -8.82 -16.14 -2.50
N LEU A 136 -7.66 -15.61 -2.89
CA LEU A 136 -7.46 -14.18 -2.84
C LEU A 136 -8.31 -13.36 -3.81
N ASN A 137 -8.86 -14.03 -4.84
CA ASN A 137 -9.78 -13.40 -5.77
C ASN A 137 -11.09 -12.96 -5.12
N GLN A 138 -11.41 -13.54 -3.97
CA GLN A 138 -12.71 -13.32 -3.32
C GLN A 138 -12.63 -13.06 -1.82
N THR A 139 -11.50 -12.47 -1.42
CA THR A 139 -11.23 -12.15 -0.01
C THR A 139 -10.81 -10.68 0.09
N VAL A 140 -11.43 -9.93 1.01
CA VAL A 140 -11.07 -8.54 1.24
C VAL A 140 -9.72 -8.50 2.01
N ALA A 141 -8.87 -7.53 1.70
CA ALA A 141 -7.55 -7.41 2.33
C ALA A 141 -7.11 -5.96 2.47
N VAL A 142 -6.27 -5.71 3.49
CA VAL A 142 -5.80 -4.38 3.84
C VAL A 142 -4.32 -4.42 4.22
N GLY A 143 -3.69 -3.28 4.18
CA GLY A 143 -2.29 -3.12 4.53
C GLY A 143 -1.99 -1.91 5.39
N SER A 144 -0.97 -2.04 6.24
CA SER A 144 -0.42 -0.95 7.05
C SER A 144 1.00 -0.71 6.58
N ALA A 145 1.25 0.47 6.05
CA ALA A 145 2.46 0.79 5.27
C ALA A 145 3.34 1.89 5.88
N MSE A 146 4.57 1.93 5.42
CA MSE A 146 5.51 2.98 5.75
C MSE A 146 6.48 3.23 4.58
O MSE A 146 7.02 2.28 3.97
CB MSE A 146 6.28 2.60 7.02
CG MSE A 146 7.23 3.66 7.54
SE MSE A 146 8.23 3.10 9.05
CE MSE A 146 6.72 2.95 10.31
N ARG A 147 6.70 4.49 4.23
CA ARG A 147 7.75 4.88 3.28
CA ARG A 147 7.74 4.86 3.26
C ARG A 147 9.15 4.72 3.91
N LEU A 148 10.11 4.20 3.13
CA LEU A 148 11.52 4.17 3.56
C LEU A 148 12.37 4.55 2.32
N GLY A 149 12.54 5.85 2.11
CA GLY A 149 13.17 6.36 0.90
C GLY A 149 12.41 5.90 -0.31
N LYS A 150 13.13 5.38 -1.32
CA LYS A 150 12.53 4.89 -2.57
C LYS A 150 12.05 3.43 -2.42
N ALA A 151 11.24 3.23 -1.40
CA ALA A 151 10.65 1.92 -1.05
C ALA A 151 9.45 2.15 -0.17
N VAL A 152 8.50 1.21 -0.23
CA VAL A 152 7.39 1.13 0.71
C VAL A 152 7.37 -0.28 1.32
N ILE A 153 7.32 -0.34 2.63
CA ILE A 153 7.20 -1.58 3.39
CA ILE A 153 7.17 -1.61 3.31
C ILE A 153 5.80 -1.64 3.97
N TYR A 154 5.10 -2.75 3.84
CA TYR A 154 3.78 -2.89 4.48
C TYR A 154 3.45 -4.30 4.90
N ASP A 155 2.69 -4.39 5.97
CA ASP A 155 2.13 -5.65 6.46
C ASP A 155 0.71 -5.82 5.87
N ALA A 156 0.52 -6.88 5.10
CA ALA A 156 -0.76 -7.24 4.51
C ALA A 156 -1.54 -8.24 5.38
N TYR A 157 -2.85 -8.05 5.45
CA TYR A 157 -3.79 -8.89 6.19
C TYR A 157 -5.03 -9.18 5.34
N THR A 158 -5.59 -10.39 5.49
CA THR A 158 -6.92 -10.67 4.95
C THR A 158 -7.95 -10.50 6.07
N LEU A 159 -9.17 -10.15 5.68
CA LEU A 159 -10.33 -10.18 6.59
C LEU A 159 -10.91 -11.60 6.60
N LYS A 160 -10.86 -12.17 7.79
CA LYS A 160 -11.43 -13.45 8.11
CA LYS A 160 -11.44 -13.45 8.13
C LYS A 160 -12.76 -13.14 8.83
C1 EDO B . 10.32 -15.84 -6.96
O1 EDO B . 10.81 -15.61 -8.31
C2 EDO B . 11.47 -16.38 -6.09
O2 EDO B . 10.97 -16.74 -4.79
C1 EDO C . -5.86 7.07 -10.74
O1 EDO C . -5.90 8.39 -10.25
C2 EDO C . -6.65 6.92 -12.03
O2 EDO C . -6.05 7.62 -13.08
C1 EDO D . 0.59 0.68 -1.75
O1 EDO D . 0.82 1.92 -2.17
C2 EDO D . 1.05 -0.38 -2.73
O2 EDO D . 2.44 -0.46 -2.97
C1 EDO E . 1.09 -22.49 -9.33
O1 EDO E . -0.30 -22.40 -9.66
C2 EDO E . 1.19 -22.48 -7.83
O2 EDO E . 0.94 -23.80 -7.31
C1 CIT F . 10.90 13.91 -17.94
O1 CIT F . 11.10 13.39 -16.81
O2 CIT F . 10.58 15.11 -18.00
C2 CIT F . 11.01 13.14 -19.25
C3 CIT F . 11.94 11.90 -19.27
O7 CIT F . 11.70 10.98 -18.17
C4 CIT F . 11.59 11.12 -20.54
C5 CIT F . 12.30 9.78 -20.52
O3 CIT F . 13.51 9.79 -20.81
O4 CIT F . 11.71 8.70 -20.19
C6 CIT F . 13.44 12.28 -19.25
O5 CIT F . 14.25 11.75 -18.41
O6 CIT F . 13.92 13.08 -20.09
CL CL G . -3.99 10.02 11.89
CL CL H . 15.98 6.93 -1.09
CL CL I . 4.01 6.86 -1.50
CL CL J . 5.13 6.68 5.99
CL CL K . 5.14 -0.24 -16.32
#